data_3IEU
#
_entry.id   3IEU
#
_cell.length_a   86.6
_cell.length_b   67.9
_cell.length_c   87.1
_cell.angle_alpha   90.0
_cell.angle_beta   114.2
_cell.angle_gamma   90.0
#
_symmetry.space_group_name_H-M   'P 1 21 1'
#
loop_
_entity.id
_entity.type
_entity.pdbx_description
1 polymer 'GTP-binding protein era'
2 non-polymer "GUANOSINE-5'-DIPHOSPHATE"
3 non-polymer 'SULFATE ION'
4 non-polymer 2-AMINO-2-HYDROXYMETHYL-PROPANE-1,3-DIOL
5 water water
#
_entity_poly.entity_id   1
_entity_poly.type   'polypeptide(L)'
_entity_poly.pdbx_seq_one_letter_code
;MSIDKSYCGFIAIVGRPNVGKSTLLNKLLGQKISITSRKAQTTRHRIVGIHTEGAYQAIYVDTPGLHMEEKRAINRLMNK
AASSSIGDVELVIFVVEGTRWTPDDEMVLNKLREGKAPVILAVNKVDNVQEKADLLPHLQFLASQMNFLDIVPISAETGL
NVDTIAAIVRKHLPEATHHFPEDYITDRSQRFMASEIIREKLMRFLGAELPYSVTVEIERFVSNERGGYDINGLILVERE
GQKKMVIGNKGAKIKTIGIEARKDMQEMFEAPVHLELWVKVKSGWADDERALRSLGYVDDL
;
_entity_poly.pdbx_strand_id   A,B
#
loop_
_chem_comp.id
_chem_comp.type
_chem_comp.name
_chem_comp.formula
GDP RNA linking GUANOSINE-5'-DIPHOSPHATE 'C10 H15 N5 O11 P2'
SO4 non-polymer 'SULFATE ION' 'O4 S -2'
TRS non-polymer 2-AMINO-2-HYDROXYMETHYL-PROPANE-1,3-DIOL 'C4 H12 N O3 1'
#
# COMPACT_ATOMS: atom_id res chain seq x y z
N ASP A 4 -1.82 21.89 9.47
CA ASP A 4 -2.82 21.38 8.53
C ASP A 4 -2.32 20.11 7.81
N LYS A 5 -1.22 19.56 8.30
CA LYS A 5 -0.73 18.31 7.74
C LYS A 5 -0.85 17.17 8.75
N SER A 6 0.06 16.20 8.67
CA SER A 6 -0.18 14.92 9.32
C SER A 6 0.96 14.53 10.25
N TYR A 7 0.70 13.50 11.05
CA TYR A 7 1.67 12.99 12.00
C TYR A 7 1.65 11.47 11.95
N CYS A 8 2.85 10.89 12.01
CA CYS A 8 2.97 9.46 11.95
C CYS A 8 4.26 9.02 12.60
N GLY A 9 4.19 8.03 13.50
CA GLY A 9 5.38 7.58 14.18
C GLY A 9 5.24 6.26 14.90
N PHE A 10 6.37 5.81 15.46
CA PHE A 10 6.41 4.51 16.09
C PHE A 10 6.31 4.60 17.60
N ILE A 11 5.41 3.82 18.17
CA ILE A 11 5.22 3.81 19.60
C ILE A 11 5.48 2.40 20.05
N ALA A 12 6.43 2.21 20.94
CA ALA A 12 6.64 0.87 21.45
C ALA A 12 5.70 0.59 22.62
N ILE A 13 5.29 -0.66 22.77
CA ILE A 13 4.61 -1.14 23.97
C ILE A 13 5.42 -2.33 24.50
N VAL A 14 5.93 -2.19 25.71
CA VAL A 14 6.83 -3.19 26.28
C VAL A 14 6.45 -3.61 27.71
N GLY A 15 7.07 -4.69 28.17
CA GLY A 15 6.77 -5.23 29.48
C GLY A 15 6.67 -6.74 29.45
N ARG A 16 7.11 -7.39 30.52
CA ARG A 16 7.09 -8.84 30.60
C ARG A 16 5.70 -9.43 30.32
N PRO A 17 5.66 -10.72 29.94
CA PRO A 17 4.39 -11.41 29.60
C PRO A 17 3.35 -11.33 30.72
N ASN A 18 2.13 -11.01 30.31
CA ASN A 18 0.94 -11.06 31.15
C ASN A 18 0.53 -9.80 31.85
N VAL A 19 1.30 -8.75 31.64
CA VAL A 19 1.01 -7.48 32.29
C VAL A 19 -0.18 -6.78 31.64
N GLY A 20 -0.54 -7.22 30.43
CA GLY A 20 -1.70 -6.67 29.73
C GLY A 20 -1.40 -5.79 28.52
N LYS A 21 -0.21 -5.97 27.93
CA LYS A 21 0.19 -5.27 26.71
C LYS A 21 -0.86 -5.39 25.58
N SER A 22 -1.24 -6.61 25.23
CA SER A 22 -2.16 -6.79 24.11
C SER A 22 -3.53 -6.22 24.45
N THR A 23 -3.89 -6.28 25.72
CA THR A 23 -5.19 -5.80 26.15
C THR A 23 -5.27 -4.29 25.99
N LEU A 24 -4.17 -3.62 26.29
CA LEU A 24 -4.08 -2.18 26.21
C LEU A 24 -3.96 -1.74 24.76
N LEU A 25 -3.15 -2.47 24.00
CA LEU A 25 -3.09 -2.25 22.57
C LEU A 25 -4.48 -2.23 21.98
N ASN A 26 -5.30 -3.21 22.36
CA ASN A 26 -6.64 -3.28 21.79
C ASN A 26 -7.52 -2.10 22.20
N LYS A 27 -7.37 -1.63 23.44
CA LYS A 27 -8.17 -0.49 23.89
C LYS A 27 -7.73 0.76 23.13
N LEU A 28 -6.43 0.84 22.82
CA LEU A 28 -5.94 1.95 22.04
C LEU A 28 -6.42 1.90 20.59
N LEU A 29 -6.54 0.72 19.99
CA LEU A 29 -6.98 0.65 18.58
C LEU A 29 -8.45 1.01 18.44
N GLY A 30 -9.18 0.86 19.53
CA GLY A 30 -10.56 1.33 19.60
C GLY A 30 -11.59 0.65 18.73
N GLN A 31 -11.26 -0.51 18.16
CA GLN A 31 -12.23 -1.31 17.42
C GLN A 31 -13.30 -1.88 18.35
N LYS A 32 -14.56 -1.86 17.92
CA LYS A 32 -15.64 -2.38 18.77
C LYS A 32 -15.44 -3.88 19.01
N ILE A 33 -15.06 -4.60 17.96
CA ILE A 33 -14.66 -5.99 18.08
C ILE A 33 -13.13 -6.11 17.93
N SER A 34 -12.52 -6.88 18.81
CA SER A 34 -11.08 -6.95 18.94
C SER A 34 -10.63 -8.37 18.73
N ILE A 35 -9.34 -8.56 18.51
CA ILE A 35 -8.83 -9.90 18.30
C ILE A 35 -7.69 -10.16 19.28
N THR A 36 -7.74 -11.30 19.96
CA THR A 36 -6.60 -11.73 20.75
C THR A 36 -6.04 -13.07 20.27
N SER A 37 -4.86 -13.42 20.77
CA SER A 37 -4.14 -14.60 20.34
C SER A 37 -3.26 -15.12 21.48
N ARG A 38 -3.73 -16.14 22.18
CA ARG A 38 -2.99 -16.67 23.33
C ARG A 38 -1.69 -17.36 22.89
N LYS A 39 -1.35 -17.26 21.61
CA LYS A 39 -0.11 -17.83 21.10
C LYS A 39 1.03 -16.81 21.12
N ALA A 40 0.70 -15.55 20.86
CA ALA A 40 1.67 -14.46 20.90
C ALA A 40 3.05 -14.87 20.35
N GLN A 41 3.32 -14.58 19.09
CA GLN A 41 4.61 -14.94 18.47
C GLN A 41 5.38 -13.71 17.98
N THR A 42 6.70 -13.85 17.81
CA THR A 42 7.53 -12.73 17.36
C THR A 42 7.72 -12.67 15.83
N THR A 43 7.51 -11.47 15.28
CA THR A 43 7.61 -11.23 13.83
C THR A 43 8.92 -10.48 13.50
N ARG A 44 9.24 -10.37 12.22
CA ARG A 44 10.50 -9.76 11.83
C ARG A 44 10.39 -8.24 11.82
N HIS A 45 9.15 -7.75 11.78
CA HIS A 45 8.91 -6.31 11.67
C HIS A 45 8.33 -5.70 12.97
N ARG A 46 7.91 -6.57 13.89
CA ARG A 46 7.57 -6.12 15.24
C ARG A 46 6.38 -5.17 15.34
N ILE A 47 5.63 -4.98 14.26
CA ILE A 47 4.40 -4.21 14.33
C ILE A 47 3.26 -5.06 14.92
N VAL A 48 2.56 -4.50 15.91
CA VAL A 48 1.50 -5.23 16.62
C VAL A 48 0.14 -4.60 16.33
N GLY A 49 0.16 -3.38 15.81
CA GLY A 49 -1.09 -2.73 15.49
C GLY A 49 -0.86 -1.32 15.01
N ILE A 50 -1.83 -0.78 14.25
CA ILE A 50 -1.75 0.57 13.72
C ILE A 50 -3.02 1.41 13.96
N HIS A 51 -2.91 2.54 14.66
CA HIS A 51 -4.08 3.38 14.90
C HIS A 51 -4.06 4.62 14.05
N THR A 52 -5.04 4.72 13.17
CA THR A 52 -5.13 5.84 12.22
C THR A 52 -6.43 6.60 12.43
N GLU A 53 -6.33 7.84 12.85
CA GLU A 53 -7.54 8.60 13.13
C GLU A 53 -7.27 10.01 12.63
N GLY A 54 -7.92 10.39 11.55
CA GLY A 54 -7.77 11.74 11.05
C GLY A 54 -6.36 11.95 10.53
N ALA A 55 -5.60 12.82 11.18
CA ALA A 55 -4.26 13.08 10.68
C ALA A 55 -3.21 12.33 11.47
N TYR A 56 -3.66 11.47 12.38
CA TYR A 56 -2.76 10.81 13.30
C TYR A 56 -2.66 9.31 13.03
N GLN A 57 -1.45 8.84 12.74
CA GLN A 57 -1.24 7.42 12.52
C GLN A 57 -0.18 6.95 13.47
N ALA A 58 -0.57 6.10 14.41
CA ALA A 58 0.37 5.65 15.41
C ALA A 58 0.70 4.22 15.08
N ILE A 59 1.99 3.93 14.95
CA ILE A 59 2.39 2.60 14.58
C ILE A 59 2.96 1.89 15.82
N TYR A 60 2.18 0.98 16.39
CA TYR A 60 2.59 0.31 17.62
C TYR A 60 3.49 -0.89 17.38
N VAL A 61 4.67 -0.88 17.99
CA VAL A 61 5.56 -2.04 17.93
C VAL A 61 5.77 -2.65 19.32
N ASP A 62 6.55 -3.73 19.40
CA ASP A 62 6.76 -4.43 20.67
C ASP A 62 8.24 -4.55 21.05
N THR A 63 9.07 -3.80 20.34
CA THR A 63 10.47 -3.61 20.69
C THR A 63 10.64 -2.14 20.96
N PRO A 64 11.48 -1.80 21.94
CA PRO A 64 11.77 -0.42 22.37
C PRO A 64 12.51 0.38 21.29
N GLY A 65 13.27 -0.30 20.45
CA GLY A 65 13.99 0.35 19.36
C GLY A 65 14.06 -0.50 18.12
N LEU A 66 13.98 0.16 16.96
CA LEU A 66 13.95 -0.54 15.68
C LEU A 66 15.34 -0.58 15.06
N HIS A 67 15.78 -1.79 14.73
CA HIS A 67 17.10 -1.97 14.13
C HIS A 67 16.98 -2.30 12.65
N MET A 68 18.04 -2.02 11.90
CA MET A 68 17.97 -2.06 10.45
C MET A 68 17.28 -3.29 9.88
N GLU A 69 17.57 -4.46 10.44
CA GLU A 69 16.93 -5.68 9.99
C GLU A 69 15.41 -5.50 9.98
N GLU A 70 14.91 -4.75 10.96
CA GLU A 70 13.49 -4.61 11.16
C GLU A 70 12.87 -3.53 10.29
N LYS A 71 13.54 -2.39 10.15
CA LYS A 71 13.07 -1.42 9.17
C LYS A 71 12.95 -2.10 7.79
N ARG A 72 13.84 -3.02 7.50
CA ARG A 72 13.76 -3.69 6.21
C ARG A 72 12.54 -4.59 6.18
N ALA A 73 12.27 -5.28 7.28
CA ALA A 73 11.08 -6.14 7.33
C ALA A 73 9.77 -5.33 7.22
N ILE A 74 9.77 -4.14 7.81
CA ILE A 74 8.62 -3.24 7.76
C ILE A 74 8.38 -2.75 6.34
N ASN A 75 9.46 -2.45 5.62
CA ASN A 75 9.35 -2.04 4.23
C ASN A 75 8.79 -3.15 3.32
N ARG A 76 9.21 -4.40 3.57
CA ARG A 76 8.67 -5.56 2.89
C ARG A 76 7.19 -5.67 3.09
N LEU A 77 6.80 -5.61 4.35
CA LEU A 77 5.40 -5.66 4.74
C LEU A 77 4.55 -4.69 3.91
N MET A 78 5.08 -3.48 3.68
CA MET A 78 4.40 -2.47 2.90
C MET A 78 4.64 -2.64 1.40
N ASN A 79 5.58 -3.52 1.04
CA ASN A 79 6.00 -3.71 -0.35
C ASN A 79 6.68 -2.47 -0.91
N LYS A 80 7.49 -1.82 -0.08
CA LYS A 80 8.19 -0.62 -0.52
C LYS A 80 9.66 -0.94 -0.72
N ALA A 81 10.32 -0.18 -1.59
CA ALA A 81 11.77 -0.29 -1.77
C ALA A 81 12.44 -0.38 -0.40
N ALA A 82 13.33 -1.34 -0.23
CA ALA A 82 13.88 -1.59 1.10
C ALA A 82 14.65 -0.40 1.69
N SER A 83 15.06 0.58 0.86
CA SER A 83 15.81 1.72 1.40
C SER A 83 14.95 2.96 1.67
N SER A 84 13.64 2.80 1.53
CA SER A 84 12.70 3.86 1.89
C SER A 84 12.84 4.13 3.40
N SER A 85 12.78 5.39 3.78
CA SER A 85 13.13 5.74 5.16
C SER A 85 12.07 5.27 6.11
N ILE A 86 12.50 5.00 7.33
CA ILE A 86 11.58 4.67 8.41
C ILE A 86 12.09 5.29 9.69
N GLY A 87 11.23 6.01 10.40
CA GLY A 87 11.67 6.70 11.59
C GLY A 87 12.12 5.78 12.73
N ASP A 88 12.12 6.32 13.95
CA ASP A 88 12.51 5.54 15.11
C ASP A 88 11.37 5.57 16.11
N VAL A 89 11.38 4.63 17.06
CA VAL A 89 10.45 4.67 18.19
C VAL A 89 10.52 6.05 18.89
N GLU A 90 9.37 6.68 19.06
CA GLU A 90 9.30 8.06 19.52
C GLU A 90 8.88 8.16 20.99
N LEU A 91 8.44 7.04 21.54
CA LEU A 91 7.83 6.96 22.85
C LEU A 91 7.71 5.49 23.23
N VAL A 92 8.07 5.16 24.46
CA VAL A 92 7.97 3.78 24.91
C VAL A 92 6.92 3.67 26.00
N ILE A 93 5.89 2.83 25.81
CA ILE A 93 4.98 2.56 26.90
C ILE A 93 5.43 1.31 27.66
N PHE A 94 6.01 1.52 28.83
CA PHE A 94 6.44 0.42 29.68
C PHE A 94 5.28 -0.03 30.59
N VAL A 95 4.93 -1.31 30.53
CA VAL A 95 3.73 -1.76 31.19
C VAL A 95 4.11 -2.74 32.28
N VAL A 96 3.48 -2.55 33.45
CA VAL A 96 3.70 -3.41 34.63
C VAL A 96 2.36 -3.75 35.27
N GLU A 97 2.33 -4.75 36.14
CA GLU A 97 1.06 -5.04 36.80
C GLU A 97 0.99 -4.72 38.28
N GLY A 98 -0.03 -3.94 38.63
CA GLY A 98 -0.30 -3.55 39.99
C GLY A 98 1.00 -3.31 40.70
N THR A 99 1.23 -4.10 41.74
CA THR A 99 2.39 -3.92 42.60
C THR A 99 3.37 -5.07 42.46
N ARG A 100 3.21 -5.91 41.43
CA ARG A 100 4.18 -6.95 41.19
C ARG A 100 5.40 -6.33 40.52
N TRP A 101 6.59 -6.74 40.97
CA TRP A 101 7.84 -6.29 40.37
C TRP A 101 8.92 -7.38 40.46
N THR A 102 9.35 -7.89 39.30
CA THR A 102 10.22 -9.05 39.25
C THR A 102 11.47 -8.74 38.41
N PRO A 103 12.43 -9.69 38.35
CA PRO A 103 13.64 -9.47 37.53
C PRO A 103 13.32 -9.37 36.04
N ASP A 104 12.20 -9.95 35.62
CA ASP A 104 11.75 -9.82 34.24
C ASP A 104 11.34 -8.39 33.99
N ASP A 105 10.53 -7.82 34.88
CA ASP A 105 10.21 -6.41 34.77
C ASP A 105 11.50 -5.61 34.62
N GLU A 106 12.49 -5.88 35.46
CA GLU A 106 13.76 -5.14 35.44
C GLU A 106 14.55 -5.34 34.14
N MET A 107 14.60 -6.57 33.65
CA MET A 107 15.29 -6.85 32.38
C MET A 107 14.75 -5.96 31.27
N VAL A 108 13.44 -5.74 31.28
CA VAL A 108 12.79 -4.85 30.32
C VAL A 108 13.20 -3.39 30.56
N LEU A 109 13.17 -2.96 31.82
CA LEU A 109 13.56 -1.59 32.17
C LEU A 109 14.98 -1.30 31.68
N ASN A 110 15.87 -2.27 31.91
CA ASN A 110 17.27 -2.13 31.56
C ASN A 110 17.51 -1.72 30.13
N LYS A 111 16.57 -2.05 29.26
CA LYS A 111 16.73 -1.78 27.85
C LYS A 111 16.05 -0.48 27.43
N LEU A 112 15.50 0.25 28.38
CA LEU A 112 14.82 1.52 28.10
C LEU A 112 15.75 2.70 28.35
N ARG A 113 16.59 2.56 29.37
CA ARG A 113 17.63 3.54 29.66
C ARG A 113 18.65 3.45 28.53
N GLU A 114 18.80 2.24 28.01
CA GLU A 114 19.64 1.98 26.83
C GLU A 114 19.24 2.82 25.60
N GLY A 115 18.14 3.54 25.71
CA GLY A 115 17.57 4.26 24.58
C GLY A 115 17.45 5.75 24.75
N LYS A 116 17.01 6.40 23.68
CA LYS A 116 16.91 7.85 23.67
C LYS A 116 15.50 8.27 23.97
N ALA A 117 14.55 7.41 23.62
CA ALA A 117 13.13 7.76 23.65
C ALA A 117 12.56 7.81 25.06
N PRO A 118 11.68 8.80 25.30
CA PRO A 118 10.96 8.98 26.56
C PRO A 118 10.17 7.72 26.87
N VAL A 119 10.06 7.41 28.15
CA VAL A 119 9.33 6.24 28.60
C VAL A 119 8.16 6.67 29.48
N ILE A 120 7.03 6.02 29.26
CA ILE A 120 5.83 6.21 30.04
C ILE A 120 5.69 4.94 30.81
N LEU A 121 5.22 5.05 32.04
CA LEU A 121 5.05 3.88 32.89
C LEU A 121 3.55 3.69 33.10
N ALA A 122 3.03 2.63 32.50
CA ALA A 122 1.61 2.35 32.62
C ALA A 122 1.45 1.22 33.63
N VAL A 123 0.91 1.56 34.79
CA VAL A 123 0.68 0.57 35.83
C VAL A 123 -0.69 -0.05 35.63
N ASN A 124 -0.68 -1.25 35.06
CA ASN A 124 -1.91 -1.91 34.69
C ASN A 124 -2.48 -2.77 35.81
N LYS A 125 -3.69 -3.29 35.60
CA LYS A 125 -4.34 -4.21 36.51
C LYS A 125 -4.56 -3.52 37.85
N VAL A 126 -4.76 -2.21 37.76
CA VAL A 126 -4.99 -1.39 38.94
C VAL A 126 -6.30 -1.77 39.61
N ASP A 127 -7.29 -2.12 38.81
CA ASP A 127 -8.57 -2.60 39.33
C ASP A 127 -8.37 -3.83 40.21
N ASN A 128 -7.30 -4.57 39.95
CA ASN A 128 -7.06 -5.87 40.57
C ASN A 128 -6.16 -5.79 41.81
N VAL A 129 -5.97 -4.57 42.32
CA VAL A 129 -5.15 -4.36 43.52
C VAL A 129 -5.98 -4.48 44.81
N GLN A 130 -5.53 -5.39 45.66
CA GLN A 130 -6.23 -5.80 46.89
C GLN A 130 -6.37 -4.67 47.91
N GLU A 131 -5.25 -4.24 48.46
CA GLU A 131 -5.24 -3.09 49.35
C GLU A 131 -4.79 -1.85 48.59
N LYS A 132 -5.74 -1.02 48.19
CA LYS A 132 -5.44 0.19 47.42
C LYS A 132 -4.39 1.07 48.08
N ALA A 133 -4.03 0.74 49.31
CA ALA A 133 -2.98 1.44 50.04
C ALA A 133 -1.62 1.19 49.41
N ASP A 134 -1.26 -0.11 49.36
CA ASP A 134 0.03 -0.61 48.86
C ASP A 134 0.57 0.14 47.65
N LEU A 135 -0.32 0.86 46.99
CA LEU A 135 0.02 1.48 45.73
C LEU A 135 1.04 2.59 45.92
N LEU A 136 0.69 3.60 46.71
CA LEU A 136 1.54 4.79 46.88
C LEU A 136 3.03 4.48 47.05
N PRO A 137 3.38 3.63 48.04
CA PRO A 137 4.77 3.28 48.33
C PRO A 137 5.44 2.59 47.16
N HIS A 138 4.69 1.72 46.49
CA HIS A 138 5.20 1.01 45.33
C HIS A 138 5.52 1.98 44.20
N LEU A 139 4.61 2.90 43.93
CA LEU A 139 4.79 3.89 42.87
C LEU A 139 6.00 4.77 43.07
N GLN A 140 6.31 5.07 44.32
CA GLN A 140 7.46 5.90 44.64
C GLN A 140 8.73 5.09 44.45
N PHE A 141 8.66 3.82 44.79
CA PHE A 141 9.77 2.94 44.49
C PHE A 141 9.96 2.82 42.97
N LEU A 142 8.85 2.64 42.26
CA LEU A 142 8.91 2.55 40.80
C LEU A 142 9.53 3.80 40.23
N ALA A 143 9.07 4.97 40.70
CA ALA A 143 9.54 6.25 40.17
C ALA A 143 11.04 6.46 40.32
N SER A 144 11.68 5.77 41.25
CA SER A 144 13.09 6.03 41.49
C SER A 144 13.97 5.17 40.59
N GLN A 145 13.33 4.25 39.86
CA GLN A 145 14.03 3.39 38.91
C GLN A 145 14.56 4.09 37.64
N MET A 146 13.86 5.13 37.18
CA MET A 146 14.38 6.04 36.14
C MET A 146 13.45 7.22 35.89
N ASN A 147 13.90 8.16 35.08
CA ASN A 147 13.11 9.36 34.81
C ASN A 147 11.97 9.08 33.83
N PHE A 148 10.79 8.79 34.36
CA PHE A 148 9.65 8.58 33.49
C PHE A 148 9.06 9.91 33.07
N LEU A 149 8.60 9.96 31.84
CA LEU A 149 7.94 11.15 31.36
C LEU A 149 6.66 11.37 32.16
N ASP A 150 6.15 10.28 32.72
CA ASP A 150 4.85 10.30 33.35
C ASP A 150 4.65 8.92 33.93
N ILE A 151 3.72 8.81 34.87
CA ILE A 151 3.36 7.53 35.45
C ILE A 151 1.88 7.56 35.55
N VAL A 152 1.23 6.61 34.91
CA VAL A 152 -0.21 6.61 34.84
C VAL A 152 -0.76 5.21 35.06
N PRO A 153 -1.48 5.03 36.17
CA PRO A 153 -2.07 3.74 36.53
C PRO A 153 -3.32 3.57 35.70
N ILE A 154 -3.60 2.33 35.26
CA ILE A 154 -4.71 2.07 34.35
C ILE A 154 -5.32 0.73 34.59
N SER A 155 -6.49 0.54 34.01
CA SER A 155 -7.01 -0.78 33.82
C SER A 155 -7.30 -0.98 32.34
N ALA A 156 -6.51 -1.81 31.68
CA ALA A 156 -6.71 -2.03 30.26
C ALA A 156 -8.09 -2.61 30.01
N GLU A 157 -8.56 -3.40 30.97
CA GLU A 157 -9.89 -4.06 30.90
C GLU A 157 -11.05 -3.07 30.92
N THR A 158 -11.01 -2.16 31.89
CA THR A 158 -12.03 -1.15 32.12
C THR A 158 -11.94 0.01 31.15
N GLY A 159 -10.71 0.33 30.76
CA GLY A 159 -10.45 1.49 29.95
C GLY A 159 -10.01 2.67 30.79
N LEU A 160 -10.02 2.46 32.10
CA LEU A 160 -9.62 3.49 33.06
C LEU A 160 -8.25 4.10 32.71
N ASN A 161 -8.28 5.37 32.28
CA ASN A 161 -7.07 6.13 31.98
C ASN A 161 -6.40 5.81 30.67
N VAL A 162 -7.01 4.96 29.86
CA VAL A 162 -6.35 4.60 28.62
C VAL A 162 -6.36 5.79 27.66
N ASP A 163 -7.42 6.61 27.71
CA ASP A 163 -7.48 7.86 26.95
C ASP A 163 -6.32 8.80 27.32
N THR A 164 -5.85 8.67 28.54
CA THR A 164 -4.74 9.47 29.03
C THR A 164 -3.48 9.02 28.32
N ILE A 165 -3.35 7.72 28.12
CA ILE A 165 -2.21 7.17 27.40
C ILE A 165 -2.27 7.60 25.95
N ALA A 166 -3.48 7.60 25.41
CA ALA A 166 -3.71 7.89 24.02
C ALA A 166 -3.26 9.30 23.69
N ALA A 167 -3.59 10.20 24.59
CA ALA A 167 -3.40 11.62 24.37
C ALA A 167 -1.94 11.94 24.38
N ILE A 168 -1.20 11.20 25.21
CA ILE A 168 0.24 11.39 25.30
C ILE A 168 0.88 10.87 24.02
N VAL A 169 0.50 9.65 23.65
CA VAL A 169 0.89 9.07 22.36
C VAL A 169 0.70 10.06 21.21
N ARG A 170 -0.51 10.59 21.02
CA ARG A 170 -0.76 11.57 19.95
C ARG A 170 0.24 12.71 19.93
N LYS A 171 0.56 13.22 21.12
CA LYS A 171 1.52 14.31 21.32
C LYS A 171 2.93 13.98 20.80
N HIS A 172 3.31 12.71 20.80
CA HIS A 172 4.66 12.34 20.37
C HIS A 172 4.78 11.88 18.94
N LEU A 173 3.74 12.09 18.13
CA LEU A 173 3.79 11.69 16.73
C LEU A 173 4.44 12.81 15.94
N PRO A 174 5.65 12.55 15.43
CA PRO A 174 6.35 13.52 14.59
C PRO A 174 5.53 13.90 13.36
N GLU A 175 5.67 15.14 12.89
CA GLU A 175 5.02 15.56 11.66
C GLU A 175 5.54 14.73 10.49
N ALA A 176 4.64 14.09 9.77
CA ALA A 176 5.05 13.18 8.72
C ALA A 176 3.86 12.67 7.97
N THR A 177 4.14 12.21 6.76
CA THR A 177 3.11 11.53 6.00
C THR A 177 2.90 10.14 6.63
N HIS A 178 1.68 9.62 6.51
CA HIS A 178 1.40 8.26 6.95
C HIS A 178 2.24 7.26 6.13
N HIS A 179 2.82 6.28 6.79
CA HIS A 179 3.41 5.17 6.07
C HIS A 179 2.31 4.29 5.43
N PHE A 180 1.36 3.83 6.24
CA PHE A 180 0.38 2.85 5.84
C PHE A 180 -0.93 3.42 5.38
N PRO A 181 -1.61 2.67 4.50
CA PRO A 181 -3.01 2.88 4.12
C PRO A 181 -3.87 2.66 5.36
N GLU A 182 -5.06 3.23 5.33
CA GLU A 182 -5.88 3.33 6.52
C GLU A 182 -6.29 2.00 7.16
N ASP A 183 -6.58 0.97 6.38
CA ASP A 183 -6.99 -0.29 7.03
C ASP A 183 -6.07 -1.48 6.79
N TYR A 184 -4.76 -1.25 6.89
CA TYR A 184 -3.78 -2.24 6.46
C TYR A 184 -3.72 -3.48 7.33
N ILE A 185 -3.59 -4.64 6.70
CA ILE A 185 -3.40 -5.90 7.42
C ILE A 185 -1.91 -6.17 7.65
N THR A 186 -1.52 -6.13 8.92
CA THR A 186 -0.14 -6.29 9.35
C THR A 186 0.11 -7.73 9.77
N ASP A 187 -0.95 -8.52 9.81
CA ASP A 187 -0.82 -9.93 10.12
C ASP A 187 -1.45 -10.74 9.02
N ARG A 188 -0.61 -11.40 8.24
CA ARG A 188 -1.05 -12.07 7.04
C ARG A 188 -1.32 -13.54 7.33
N SER A 189 -1.05 -13.97 8.56
CA SER A 189 -1.27 -15.37 8.91
C SER A 189 -2.73 -15.80 8.70
N GLN A 190 -2.92 -17.05 8.30
CA GLN A 190 -4.26 -17.59 8.10
C GLN A 190 -5.03 -17.58 9.41
N ARG A 191 -4.33 -17.88 10.49
CA ARG A 191 -4.94 -17.88 11.80
C ARG A 191 -5.59 -16.53 12.08
N PHE A 192 -4.88 -15.45 11.75
CA PHE A 192 -5.44 -14.13 11.91
C PHE A 192 -6.63 -13.91 10.97
N MET A 193 -6.48 -14.37 9.73
CA MET A 193 -7.52 -14.21 8.73
C MET A 193 -8.85 -14.85 9.12
N ALA A 194 -8.76 -15.90 9.92
CA ALA A 194 -9.96 -16.55 10.42
C ALA A 194 -10.66 -15.63 11.40
N SER A 195 -9.90 -15.06 12.33
CA SER A 195 -10.44 -14.08 13.24
C SER A 195 -11.15 -12.98 12.47
N GLU A 196 -10.48 -12.45 11.46
CA GLU A 196 -11.04 -11.32 10.75
C GLU A 196 -12.41 -11.64 10.16
N ILE A 197 -12.57 -12.89 9.75
CA ILE A 197 -13.80 -13.31 9.11
C ILE A 197 -14.90 -13.40 10.16
N ILE A 198 -14.55 -13.94 11.33
CA ILE A 198 -15.53 -14.05 12.41
C ILE A 198 -15.98 -12.66 12.87
N ARG A 199 -15.01 -11.78 13.15
CA ARG A 199 -15.27 -10.40 13.48
C ARG A 199 -16.19 -9.76 12.44
N GLU A 200 -15.95 -10.06 11.17
CA GLU A 200 -16.74 -9.44 10.14
C GLU A 200 -18.18 -9.99 10.18
N LYS A 201 -18.33 -11.29 10.42
CA LYS A 201 -19.65 -11.89 10.46
C LYS A 201 -20.45 -11.47 11.70
N LEU A 202 -19.75 -11.35 12.83
CA LEU A 202 -20.32 -10.70 14.00
C LEU A 202 -20.86 -9.29 13.71
N MET A 203 -20.05 -8.45 13.09
CA MET A 203 -20.50 -7.11 12.73
C MET A 203 -21.67 -7.17 11.75
N ARG A 204 -21.68 -8.16 10.87
CA ARG A 204 -22.73 -8.25 9.87
C ARG A 204 -24.07 -8.55 10.55
N PHE A 205 -24.09 -9.61 11.35
CA PHE A 205 -25.34 -10.16 11.87
C PHE A 205 -25.84 -9.64 13.22
N LEU A 206 -24.97 -9.01 13.99
CA LEU A 206 -25.41 -8.41 15.23
C LEU A 206 -26.03 -7.03 15.07
N GLY A 207 -25.59 -6.25 14.09
CA GLY A 207 -26.28 -5.01 13.78
C GLY A 207 -26.33 -4.05 14.94
N ALA A 208 -27.52 -3.61 15.28
CA ALA A 208 -27.67 -2.57 16.28
C ALA A 208 -27.39 -3.05 17.71
N GLU A 209 -27.58 -4.34 17.92
CA GLU A 209 -27.46 -4.97 19.24
C GLU A 209 -26.03 -5.24 19.67
N LEU A 210 -25.08 -5.20 18.74
CA LEU A 210 -23.70 -5.53 19.07
C LEU A 210 -23.04 -4.56 20.08
N PRO A 211 -22.59 -5.10 21.23
CA PRO A 211 -22.02 -4.37 22.36
C PRO A 211 -20.58 -3.98 22.18
N TYR A 212 -20.04 -3.25 23.15
CA TYR A 212 -18.62 -2.94 23.18
C TYR A 212 -17.87 -4.08 23.79
N SER A 213 -16.55 -4.05 23.63
CA SER A 213 -15.68 -5.00 24.29
C SER A 213 -15.92 -6.46 23.93
N VAL A 214 -16.32 -6.73 22.69
CA VAL A 214 -16.35 -8.12 22.24
C VAL A 214 -14.98 -8.41 21.68
N THR A 215 -14.44 -9.60 21.97
CA THR A 215 -13.19 -10.03 21.36
C THR A 215 -13.32 -11.40 20.75
N VAL A 216 -12.62 -11.62 19.64
CA VAL A 216 -12.60 -12.91 18.95
C VAL A 216 -11.23 -13.54 19.17
N GLU A 217 -11.18 -14.86 19.25
CA GLU A 217 -9.88 -15.51 19.43
C GLU A 217 -9.91 -16.90 18.85
N ILE A 218 -8.86 -17.27 18.13
CA ILE A 218 -8.78 -18.61 17.55
C ILE A 218 -7.97 -19.58 18.44
N GLU A 219 -8.69 -20.43 19.17
CA GLU A 219 -8.10 -21.35 20.14
C GLU A 219 -7.36 -22.50 19.48
N ARG A 220 -7.75 -22.84 18.25
CA ARG A 220 -7.20 -24.01 17.59
C ARG A 220 -7.25 -23.89 16.08
N PHE A 221 -6.10 -24.05 15.46
CA PHE A 221 -6.00 -24.04 14.01
C PHE A 221 -5.12 -25.19 13.56
N VAL A 222 -5.72 -26.19 12.92
CA VAL A 222 -4.98 -27.34 12.41
C VAL A 222 -5.41 -27.78 11.01
N SER A 223 -4.51 -28.47 10.31
CA SER A 223 -4.86 -29.13 9.05
C SER A 223 -5.04 -30.63 9.29
N ASN A 224 -6.14 -31.18 8.77
CA ASN A 224 -6.41 -32.60 8.92
C ASN A 224 -5.64 -33.46 7.91
N GLU A 225 -5.85 -34.77 7.95
CA GLU A 225 -5.24 -35.69 7.00
C GLU A 225 -5.75 -35.38 5.59
N ARG A 226 -7.04 -35.04 5.53
CA ARG A 226 -7.76 -34.78 4.28
C ARG A 226 -7.34 -33.47 3.58
N GLY A 227 -6.20 -32.91 3.97
CA GLY A 227 -5.73 -31.66 3.42
C GLY A 227 -6.71 -30.52 3.66
N GLY A 228 -7.58 -30.69 4.65
CA GLY A 228 -8.55 -29.67 5.05
C GLY A 228 -8.15 -29.01 6.36
N TYR A 229 -9.07 -28.26 6.96
CA TYR A 229 -8.78 -27.52 8.19
C TYR A 229 -9.79 -27.73 9.32
N ASP A 230 -9.31 -27.64 10.56
CA ASP A 230 -10.15 -27.75 11.76
C ASP A 230 -9.91 -26.54 12.70
N ILE A 231 -10.93 -25.68 12.80
CA ILE A 231 -10.78 -24.43 13.51
C ILE A 231 -11.74 -24.28 14.68
N ASN A 232 -11.22 -23.85 15.82
CA ASN A 232 -12.04 -23.57 16.99
C ASN A 232 -12.08 -22.09 17.32
N GLY A 233 -13.24 -21.49 17.16
CA GLY A 233 -13.39 -20.06 17.42
C GLY A 233 -14.04 -19.79 18.74
N LEU A 234 -13.54 -18.77 19.44
CA LEU A 234 -14.03 -18.41 20.75
C LEU A 234 -14.43 -16.93 20.77
N ILE A 235 -15.72 -16.66 20.94
CA ILE A 235 -16.21 -15.29 20.98
C ILE A 235 -16.44 -14.85 22.42
N LEU A 236 -15.80 -13.76 22.87
CA LEU A 236 -15.84 -13.35 24.28
C LEU A 236 -16.56 -12.05 24.50
N VAL A 237 -17.49 -12.03 25.47
CA VAL A 237 -18.31 -10.85 25.77
C VAL A 237 -18.21 -10.46 27.25
N GLU A 238 -18.47 -9.19 27.58
CA GLU A 238 -18.35 -8.68 28.95
C GLU A 238 -19.38 -9.29 29.90
N ARG A 239 -20.66 -9.20 29.53
CA ARG A 239 -21.73 -9.62 30.42
C ARG A 239 -22.63 -10.72 29.85
N GLU A 240 -23.35 -11.40 30.72
CA GLU A 240 -24.16 -12.55 30.35
C GLU A 240 -25.26 -12.22 29.34
N GLY A 241 -25.95 -11.10 29.54
CA GLY A 241 -27.10 -10.78 28.70
C GLY A 241 -26.71 -10.68 27.24
N GLN A 242 -25.48 -10.21 27.02
CA GLN A 242 -24.91 -10.08 25.69
C GLN A 242 -24.69 -11.46 25.10
N LYS A 243 -24.13 -12.38 25.89
CA LYS A 243 -23.92 -13.74 25.42
C LYS A 243 -25.17 -14.35 24.76
N LYS A 244 -26.36 -13.93 25.21
CA LYS A 244 -27.57 -14.51 24.65
C LYS A 244 -28.02 -13.82 23.35
N MET A 245 -27.59 -12.57 23.14
CA MET A 245 -27.92 -11.88 21.89
C MET A 245 -27.08 -12.51 20.81
N VAL A 246 -25.88 -12.92 21.19
CA VAL A 246 -24.96 -13.52 20.23
C VAL A 246 -25.47 -14.88 19.82
N ILE A 247 -25.85 -15.67 20.81
CA ILE A 247 -26.43 -16.97 20.52
C ILE A 247 -27.72 -16.73 19.73
N GLY A 248 -28.45 -15.68 20.13
CA GLY A 248 -29.67 -15.28 19.45
C GLY A 248 -30.84 -16.19 19.74
N ASN A 249 -32.04 -15.73 19.43
CA ASN A 249 -33.23 -16.54 19.61
C ASN A 249 -33.08 -17.95 18.99
N LYS A 250 -33.37 -18.97 19.82
CA LYS A 250 -33.31 -20.39 19.42
C LYS A 250 -31.95 -20.85 18.84
N GLY A 251 -30.89 -20.07 19.10
CA GLY A 251 -29.53 -20.42 18.70
C GLY A 251 -29.26 -20.21 17.21
N ALA A 252 -30.19 -19.54 16.53
CA ALA A 252 -30.06 -19.30 15.09
C ALA A 252 -29.00 -18.26 14.72
N LYS A 253 -28.75 -17.29 15.63
CA LYS A 253 -27.82 -16.21 15.34
C LYS A 253 -26.38 -16.75 15.26
N ILE A 254 -25.98 -17.47 16.30
CA ILE A 254 -24.63 -18.05 16.35
C ILE A 254 -24.51 -19.22 15.37
N LYS A 255 -25.66 -19.75 14.97
CA LYS A 255 -25.67 -20.84 14.01
C LYS A 255 -25.28 -20.30 12.66
N THR A 256 -25.95 -19.21 12.28
CA THR A 256 -25.72 -18.55 10.98
C THR A 256 -24.31 -17.94 10.88
N ILE A 257 -23.87 -17.30 11.95
CA ILE A 257 -22.55 -16.70 11.99
C ILE A 257 -21.51 -17.77 11.69
N GLY A 258 -21.62 -18.90 12.40
CA GLY A 258 -20.77 -20.04 12.11
C GLY A 258 -20.84 -20.52 10.66
N ILE A 259 -22.04 -20.69 10.13
CA ILE A 259 -22.17 -21.13 8.75
C ILE A 259 -21.49 -20.18 7.76
N GLU A 260 -21.75 -18.88 7.91
CA GLU A 260 -21.20 -17.87 6.99
C GLU A 260 -19.68 -17.78 7.08
N ALA A 261 -19.16 -17.83 8.31
CA ALA A 261 -17.74 -17.73 8.53
C ALA A 261 -16.99 -18.96 8.01
N ARG A 262 -17.54 -20.15 8.25
CA ARG A 262 -16.92 -21.37 7.76
C ARG A 262 -16.93 -21.35 6.23
N LYS A 263 -17.96 -20.74 5.66
CA LYS A 263 -18.03 -20.57 4.22
C LYS A 263 -16.91 -19.66 3.73
N ASP A 264 -16.93 -18.37 4.12
CA ASP A 264 -15.91 -17.42 3.69
C ASP A 264 -14.49 -17.94 3.93
N MET A 265 -14.37 -18.78 4.96
CA MET A 265 -13.09 -19.39 5.34
C MET A 265 -12.62 -20.44 4.35
N GLN A 266 -13.52 -21.34 3.94
CA GLN A 266 -13.20 -22.36 2.93
C GLN A 266 -12.76 -21.71 1.62
N GLU A 267 -13.49 -20.68 1.22
CA GLU A 267 -13.20 -19.94 0.00
C GLU A 267 -11.81 -19.27 0.02
N MET A 268 -11.47 -18.61 1.12
CA MET A 268 -10.18 -17.95 1.20
C MET A 268 -9.00 -18.91 1.39
N PHE A 269 -9.27 -20.04 2.05
CA PHE A 269 -8.23 -21.04 2.28
C PHE A 269 -8.20 -22.12 1.21
N GLU A 270 -9.15 -22.04 0.28
CA GLU A 270 -9.30 -23.07 -0.76
C GLU A 270 -9.03 -24.46 -0.20
N ALA A 271 -9.85 -24.86 0.76
CA ALA A 271 -9.71 -26.15 1.41
C ALA A 271 -10.93 -26.39 2.28
N PRO A 272 -11.14 -27.64 2.74
CA PRO A 272 -12.24 -27.91 3.68
C PRO A 272 -12.05 -27.22 5.03
N VAL A 273 -13.15 -26.89 5.69
CA VAL A 273 -13.09 -26.24 7.00
C VAL A 273 -14.19 -26.73 7.94
N HIS A 274 -13.79 -27.31 9.07
CA HIS A 274 -14.74 -27.60 10.13
C HIS A 274 -14.62 -26.52 11.22
N LEU A 275 -15.67 -25.73 11.39
CA LEU A 275 -15.61 -24.61 12.30
C LEU A 275 -16.48 -24.81 13.52
N GLU A 276 -15.90 -24.63 14.71
CA GLU A 276 -16.68 -24.62 15.95
C GLU A 276 -16.61 -23.25 16.61
N LEU A 277 -17.75 -22.75 17.09
CA LEU A 277 -17.78 -21.42 17.71
C LEU A 277 -18.38 -21.45 19.10
N TRP A 278 -17.65 -20.92 20.08
CA TRP A 278 -18.09 -20.82 21.46
C TRP A 278 -18.27 -19.36 21.88
N VAL A 279 -19.36 -19.08 22.57
CA VAL A 279 -19.59 -17.77 23.16
C VAL A 279 -19.36 -17.85 24.67
N LYS A 280 -18.40 -17.10 25.19
CA LYS A 280 -18.03 -17.16 26.60
C LYS A 280 -18.06 -15.76 27.20
N VAL A 281 -18.49 -15.67 28.46
CA VAL A 281 -18.45 -14.40 29.20
C VAL A 281 -17.08 -14.31 29.87
N LYS A 282 -16.35 -13.23 29.62
CA LYS A 282 -14.96 -13.09 30.05
C LYS A 282 -14.72 -13.58 31.48
N SER A 283 -15.50 -13.06 32.41
CA SER A 283 -15.41 -13.46 33.81
C SER A 283 -15.96 -14.89 34.01
N GLY A 284 -15.17 -15.89 33.59
CA GLY A 284 -15.46 -17.29 33.84
C GLY A 284 -16.50 -17.97 32.97
N TRP A 285 -16.29 -19.27 32.70
CA TRP A 285 -17.29 -20.07 31.98
C TRP A 285 -18.57 -20.14 32.79
N ALA A 286 -19.13 -21.34 32.89
CA ALA A 286 -20.27 -21.58 33.75
C ALA A 286 -20.36 -23.09 33.98
N ASP A 287 -21.28 -23.49 34.84
CA ASP A 287 -21.39 -24.88 35.22
C ASP A 287 -21.82 -25.73 34.03
N ASP A 288 -22.95 -25.38 33.42
CA ASP A 288 -23.39 -26.11 32.21
C ASP A 288 -22.39 -26.06 31.05
N GLU A 289 -21.70 -24.92 30.91
CA GLU A 289 -20.75 -24.68 29.82
C GLU A 289 -19.45 -25.47 29.94
N ARG A 290 -18.82 -25.41 31.11
CA ARG A 290 -17.60 -26.16 31.36
C ARG A 290 -17.79 -27.65 31.03
N ALA A 291 -18.84 -28.25 31.60
CA ALA A 291 -19.18 -29.65 31.36
C ALA A 291 -19.50 -29.90 29.89
N LEU A 292 -19.98 -28.86 29.23
CA LEU A 292 -20.30 -28.92 27.82
C LEU A 292 -19.03 -28.89 26.96
N ARG A 293 -18.03 -28.16 27.44
CA ARG A 293 -16.78 -27.96 26.69
C ARG A 293 -16.10 -29.28 26.32
N SER A 294 -15.88 -30.10 27.34
CA SER A 294 -15.30 -31.41 27.17
C SER A 294 -16.30 -32.44 26.62
N LEU A 295 -16.55 -32.36 25.30
CA LEU A 295 -17.47 -33.29 24.64
C LEU A 295 -17.13 -33.47 23.14
N GLY A 296 -18.12 -33.87 22.34
CA GLY A 296 -17.88 -34.20 20.95
C GLY A 296 -18.56 -33.28 19.94
N ASP B 4 21.94 8.06 3.95
CA ASP B 4 21.59 6.64 4.07
C ASP B 4 20.07 6.44 4.11
N LYS B 5 19.32 7.50 3.83
CA LYS B 5 17.87 7.36 3.75
C LYS B 5 17.38 7.55 2.31
N SER B 6 16.15 8.05 2.17
CA SER B 6 15.49 7.97 0.89
C SER B 6 15.06 9.31 0.35
N TYR B 7 14.65 9.31 -0.92
CA TYR B 7 14.15 10.50 -1.58
C TYR B 7 12.89 10.17 -2.34
N CYS B 8 11.93 11.09 -2.29
CA CYS B 8 10.65 10.88 -2.95
C CYS B 8 9.98 12.20 -3.24
N GLY B 9 9.55 12.40 -4.48
CA GLY B 9 8.99 13.68 -4.91
C GLY B 9 8.16 13.65 -6.18
N PHE B 10 7.52 14.77 -6.45
CA PHE B 10 6.67 14.88 -7.62
C PHE B 10 7.38 15.60 -8.75
N ILE B 11 7.36 14.98 -9.93
CA ILE B 11 7.98 15.57 -11.11
C ILE B 11 6.89 15.74 -12.13
N ALA B 12 6.65 16.95 -12.58
CA ALA B 12 5.64 17.12 -13.61
C ALA B 12 6.29 16.90 -14.97
N ILE B 13 5.50 16.39 -15.92
CA ILE B 13 5.86 16.37 -17.33
C ILE B 13 4.76 17.09 -18.10
N VAL B 14 5.12 18.15 -18.81
CA VAL B 14 4.13 19.00 -19.46
C VAL B 14 4.48 19.34 -20.90
N GLY B 15 3.51 19.91 -21.61
CA GLY B 15 3.69 20.25 -23.00
C GLY B 15 2.51 19.81 -23.85
N ARG B 16 2.19 20.59 -24.88
CA ARG B 16 1.02 20.33 -25.71
C ARG B 16 1.04 18.91 -26.29
N PRO B 17 -0.14 18.41 -26.69
CA PRO B 17 -0.29 17.07 -27.26
C PRO B 17 0.63 16.79 -28.46
N ASN B 18 1.25 15.62 -28.40
CA ASN B 18 2.06 15.07 -29.48
C ASN B 18 3.56 15.35 -29.48
N VAL B 19 4.01 16.08 -28.46
CA VAL B 19 5.41 16.44 -28.39
C VAL B 19 6.26 15.25 -27.96
N GLY B 20 5.62 14.22 -27.39
CA GLY B 20 6.30 13.01 -26.93
C GLY B 20 6.38 12.77 -25.41
N LYS B 21 5.49 13.42 -24.67
CA LYS B 21 5.44 13.29 -23.21
C LYS B 21 5.38 11.82 -22.76
N SER B 22 4.41 11.08 -23.29
CA SER B 22 4.22 9.71 -22.85
C SER B 22 5.40 8.85 -23.25
N THR B 23 6.01 9.20 -24.40
CA THR B 23 7.13 8.44 -24.91
C THR B 23 8.34 8.59 -24.01
N LEU B 24 8.52 9.81 -23.52
CA LEU B 24 9.64 10.09 -22.65
C LEU B 24 9.38 9.52 -21.25
N LEU B 25 8.14 9.67 -20.80
CA LEU B 25 7.74 9.04 -19.56
C LEU B 25 8.13 7.58 -19.56
N ASN B 26 7.87 6.89 -20.68
CA ASN B 26 8.16 5.46 -20.75
C ASN B 26 9.66 5.17 -20.73
N LYS B 27 10.45 6.03 -21.35
CA LYS B 27 11.90 5.82 -21.35
C LYS B 27 12.43 6.06 -19.95
N LEU B 28 11.85 7.01 -19.25
CA LEU B 28 12.23 7.21 -17.85
C LEU B 28 11.85 6.03 -16.93
N LEU B 29 10.71 5.39 -17.16
CA LEU B 29 10.29 4.30 -16.26
C LEU B 29 11.17 3.08 -16.46
N GLY B 30 11.76 2.97 -17.63
CA GLY B 30 12.79 1.98 -17.90
C GLY B 30 12.33 0.55 -18.00
N GLN B 31 11.02 0.32 -18.14
CA GLN B 31 10.50 -1.04 -18.27
C GLN B 31 10.86 -1.58 -19.65
N LYS B 32 11.25 -2.84 -19.74
CA LYS B 32 11.61 -3.41 -21.05
C LYS B 32 10.39 -3.41 -21.98
N ILE B 33 9.25 -3.83 -21.45
CA ILE B 33 7.99 -3.67 -22.15
C ILE B 33 7.17 -2.52 -21.56
N SER B 34 6.67 -1.66 -22.42
CA SER B 34 6.00 -0.42 -22.05
C SER B 34 4.55 -0.45 -22.47
N ILE B 35 3.76 0.49 -21.98
CA ILE B 35 2.36 0.55 -22.36
C ILE B 35 2.01 1.94 -22.85
N THR B 36 1.35 2.03 -23.99
CA THR B 36 0.83 3.31 -24.47
C THR B 36 -0.69 3.26 -24.65
N SER B 37 -1.28 4.44 -24.81
CA SER B 37 -2.72 4.59 -24.87
C SER B 37 -3.09 5.78 -25.72
N ARG B 38 -3.46 5.55 -26.97
CA ARG B 38 -3.78 6.64 -27.89
C ARG B 38 -5.07 7.36 -27.48
N LYS B 39 -5.61 7.01 -26.31
CA LYS B 39 -6.81 7.66 -25.80
C LYS B 39 -6.46 8.83 -24.87
N ALA B 40 -5.39 8.67 -24.10
CA ALA B 40 -4.91 9.72 -23.21
C ALA B 40 -6.07 10.50 -22.55
N GLN B 41 -6.42 10.12 -21.33
CA GLN B 41 -7.50 10.79 -20.60
C GLN B 41 -7.02 11.42 -19.28
N THR B 42 -7.77 12.40 -18.77
CA THR B 42 -7.39 13.09 -17.52
C THR B 42 -8.01 12.47 -16.26
N THR B 43 -7.15 12.26 -15.25
CA THR B 43 -7.55 11.65 -13.98
C THR B 43 -7.62 12.69 -12.86
N ARG B 44 -8.15 12.31 -11.71
CA ARG B 44 -8.35 13.28 -10.62
C ARG B 44 -7.07 13.47 -9.83
N HIS B 45 -6.14 12.53 -9.97
CA HIS B 45 -4.90 12.55 -9.23
C HIS B 45 -3.67 12.85 -10.11
N ARG B 46 -3.84 12.80 -11.42
CA ARG B 46 -2.83 13.31 -12.32
C ARG B 46 -1.49 12.56 -12.31
N ILE B 47 -1.43 11.42 -11.64
CA ILE B 47 -0.22 10.61 -11.70
C ILE B 47 -0.20 9.79 -13.00
N VAL B 48 0.92 9.84 -13.71
CA VAL B 48 1.06 9.18 -15.01
C VAL B 48 2.05 8.01 -14.93
N GLY B 49 2.79 7.95 -13.83
CA GLY B 49 3.79 6.90 -13.67
C GLY B 49 4.70 7.16 -12.48
N ILE B 50 5.31 6.08 -11.98
CA ILE B 50 6.15 6.12 -10.80
C ILE B 50 7.44 5.34 -11.00
N HIS B 51 8.58 6.04 -10.93
CA HIS B 51 9.87 5.35 -11.03
C HIS B 51 10.56 5.16 -9.67
N THR B 52 10.73 3.91 -9.28
CA THR B 52 11.30 3.57 -7.99
C THR B 52 12.55 2.74 -8.15
N GLU B 53 13.70 3.30 -7.81
CA GLU B 53 14.94 2.57 -8.01
C GLU B 53 15.81 2.80 -6.81
N GLY B 54 16.03 1.76 -6.01
CA GLY B 54 16.81 1.89 -4.79
C GLY B 54 16.21 2.86 -3.79
N ALA B 55 16.83 4.02 -3.56
CA ALA B 55 16.29 4.94 -2.57
C ALA B 55 15.50 6.06 -3.21
N TYR B 56 15.32 5.99 -4.52
CA TYR B 56 14.73 7.09 -5.27
C TYR B 56 13.36 6.71 -5.84
N GLN B 57 12.36 7.50 -5.50
CA GLN B 57 11.03 7.26 -6.01
C GLN B 57 10.54 8.54 -6.60
N ALA B 58 10.40 8.55 -7.92
CA ALA B 58 9.99 9.75 -8.60
C ALA B 58 8.55 9.57 -9.03
N ILE B 59 7.71 10.51 -8.64
CA ILE B 59 6.30 10.38 -8.93
C ILE B 59 5.91 11.34 -10.04
N TYR B 60 5.74 10.81 -11.24
CA TYR B 60 5.49 11.66 -12.40
C TYR B 60 4.04 12.06 -12.57
N VAL B 61 3.79 13.36 -12.66
CA VAL B 61 2.43 13.84 -12.89
C VAL B 61 2.37 14.63 -14.19
N ASP B 62 1.18 15.14 -14.54
CA ASP B 62 0.99 15.80 -15.83
C ASP B 62 0.40 17.21 -15.66
N THR B 63 0.39 17.67 -14.42
CA THR B 63 0.07 19.04 -14.10
C THR B 63 1.30 19.62 -13.46
N PRO B 64 1.59 20.90 -13.75
CA PRO B 64 2.75 21.63 -13.22
C PRO B 64 2.66 21.83 -11.71
N GLY B 65 1.43 21.91 -11.18
CA GLY B 65 1.25 22.08 -9.75
C GLY B 65 0.07 21.31 -9.23
N LEU B 66 0.22 20.78 -8.01
CA LEU B 66 -0.82 19.97 -7.39
C LEU B 66 -1.70 20.80 -6.48
N HIS B 67 -3.00 20.75 -6.72
CA HIS B 67 -3.93 21.51 -5.90
C HIS B 67 -4.73 20.57 -5.00
N MET B 68 -5.26 21.12 -3.91
CA MET B 68 -5.82 20.30 -2.83
C MET B 68 -6.74 19.18 -3.31
N GLU B 69 -7.62 19.48 -4.26
CA GLU B 69 -8.50 18.44 -4.79
C GLU B 69 -7.71 17.21 -5.24
N GLU B 70 -6.50 17.45 -5.72
CA GLU B 70 -5.70 16.40 -6.33
C GLU B 70 -4.90 15.65 -5.31
N LYS B 71 -4.34 16.36 -4.33
CA LYS B 71 -3.67 15.66 -3.24
C LYS B 71 -4.70 14.71 -2.58
N ARG B 72 -5.95 15.14 -2.53
CA ARG B 72 -6.95 14.27 -1.95
C ARG B 72 -7.17 13.05 -2.83
N ALA B 73 -7.20 13.25 -4.15
CA ALA B 73 -7.36 12.12 -5.04
C ALA B 73 -6.18 11.15 -4.96
N ILE B 74 -4.98 11.70 -4.78
CA ILE B 74 -3.78 10.88 -4.66
C ILE B 74 -3.80 10.04 -3.39
N ASN B 75 -4.30 10.62 -2.30
CA ASN B 75 -4.45 9.88 -1.06
C ASN B 75 -5.44 8.73 -1.19
N ARG B 76 -6.56 8.97 -1.89
CA ARG B 76 -7.55 7.94 -2.14
C ARG B 76 -6.93 6.78 -2.90
N LEU B 77 -6.22 7.12 -3.96
CA LEU B 77 -5.50 6.15 -4.76
C LEU B 77 -4.64 5.22 -3.88
N MET B 78 -3.98 5.79 -2.90
CA MET B 78 -3.16 5.03 -1.96
C MET B 78 -3.96 4.40 -0.84
N ASN B 79 -5.21 4.85 -0.68
CA ASN B 79 -6.08 4.41 0.41
C ASN B 79 -5.58 4.94 1.75
N LYS B 80 -5.10 6.16 1.75
CA LYS B 80 -4.60 6.74 2.97
C LYS B 80 -5.57 7.80 3.45
N ALA B 81 -5.54 8.07 4.74
CA ALA B 81 -6.35 9.14 5.33
C ALA B 81 -6.17 10.39 4.47
N ALA B 82 -7.28 11.04 4.14
CA ALA B 82 -7.23 12.13 3.18
C ALA B 82 -6.34 13.31 3.65
N SER B 83 -6.06 13.41 4.94
CA SER B 83 -5.24 14.52 5.44
C SER B 83 -3.75 14.20 5.60
N SER B 84 -3.35 13.01 5.17
CA SER B 84 -1.94 12.63 5.10
C SER B 84 -1.21 13.57 4.15
N SER B 85 0.01 13.97 4.50
CA SER B 85 0.63 15.05 3.76
C SER B 85 1.08 14.58 2.41
N ILE B 86 1.19 15.51 1.49
CA ILE B 86 1.71 15.24 0.15
C ILE B 86 2.46 16.46 -0.31
N GLY B 87 3.69 16.26 -0.77
CA GLY B 87 4.52 17.39 -1.18
C GLY B 87 3.99 18.19 -2.35
N ASP B 88 4.89 18.90 -3.01
CA ASP B 88 4.52 19.66 -4.20
C ASP B 88 5.44 19.26 -5.33
N VAL B 89 5.04 19.57 -6.56
CA VAL B 89 5.90 19.39 -7.72
C VAL B 89 7.25 20.07 -7.48
N GLU B 90 8.33 19.32 -7.67
CA GLU B 90 9.67 19.77 -7.31
C GLU B 90 10.49 20.18 -8.54
N LEU B 91 9.95 19.89 -9.71
CA LEU B 91 10.66 20.07 -10.98
C LEU B 91 9.66 19.88 -12.11
N VAL B 92 9.71 20.74 -13.11
CA VAL B 92 8.78 20.62 -14.23
C VAL B 92 9.56 20.28 -15.48
N ILE B 93 9.23 19.18 -16.14
CA ILE B 93 9.84 18.92 -17.43
C ILE B 93 8.93 19.44 -18.54
N PHE B 94 9.30 20.58 -19.11
CA PHE B 94 8.55 21.16 -20.22
C PHE B 94 9.03 20.59 -21.55
N VAL B 95 8.11 20.02 -22.31
CA VAL B 95 8.49 19.27 -23.51
C VAL B 95 7.96 19.95 -24.77
N VAL B 96 8.82 20.04 -25.78
CA VAL B 96 8.46 20.68 -27.06
C VAL B 96 9.03 19.85 -28.19
N GLU B 97 8.53 20.06 -29.40
CA GLU B 97 9.11 19.28 -30.49
C GLU B 97 9.95 20.07 -31.48
N GLY B 98 11.16 19.54 -31.71
CA GLY B 98 12.11 20.12 -32.62
C GLY B 98 12.03 21.62 -32.59
N THR B 99 11.69 22.19 -33.73
CA THR B 99 11.66 23.65 -33.87
C THR B 99 10.24 24.18 -34.05
N ARG B 100 9.24 23.32 -33.80
CA ARG B 100 7.86 23.80 -33.82
C ARG B 100 7.58 24.58 -32.54
N TRP B 101 6.91 25.71 -32.69
CA TRP B 101 6.52 26.55 -31.56
C TRP B 101 5.20 27.28 -31.83
N THR B 102 4.16 26.91 -31.11
CA THR B 102 2.80 27.39 -31.38
C THR B 102 2.20 28.06 -30.12
N PRO B 103 0.98 28.64 -30.25
CA PRO B 103 0.34 29.28 -29.09
C PRO B 103 -0.02 28.27 -27.99
N ASP B 104 -0.21 27.00 -28.39
CA ASP B 104 -0.39 25.92 -27.44
C ASP B 104 0.86 25.75 -26.60
N ASP B 105 2.01 25.62 -27.26
CA ASP B 105 3.28 25.60 -26.53
C ASP B 105 3.34 26.76 -25.52
N GLU B 106 2.99 27.96 -25.98
CA GLU B 106 3.02 29.14 -25.12
C GLU B 106 2.03 29.08 -23.96
N MET B 107 0.81 28.63 -24.22
CA MET B 107 -0.18 28.50 -23.15
C MET B 107 0.36 27.65 -22.00
N VAL B 108 1.11 26.61 -22.36
CA VAL B 108 1.77 25.76 -21.39
C VAL B 108 2.86 26.51 -20.64
N LEU B 109 3.71 27.20 -21.37
CA LEU B 109 4.79 27.99 -20.76
C LEU B 109 4.23 29.00 -19.74
N ASN B 110 3.15 29.68 -20.13
CA ASN B 110 2.51 30.67 -19.27
C ASN B 110 2.21 30.20 -17.87
N LYS B 111 2.00 28.90 -17.72
CA LYS B 111 1.60 28.37 -16.43
C LYS B 111 2.80 27.85 -15.65
N LEU B 112 4.01 28.02 -16.21
CA LEU B 112 5.23 27.55 -15.54
C LEU B 112 5.90 28.68 -14.76
N ARG B 113 5.82 29.87 -15.33
CA ARG B 113 6.25 31.07 -14.64
C ARG B 113 5.30 31.32 -13.47
N GLU B 114 4.04 30.95 -13.67
CA GLU B 114 3.02 31.00 -12.61
C GLU B 114 3.42 30.20 -11.36
N GLY B 115 4.54 29.48 -11.45
CA GLY B 115 4.93 28.55 -10.40
C GLY B 115 6.26 28.84 -9.75
N LYS B 116 6.54 28.07 -8.71
CA LYS B 116 7.77 28.25 -7.96
C LYS B 116 8.84 27.32 -8.50
N ALA B 117 8.40 26.17 -9.00
CA ALA B 117 9.32 25.08 -9.33
C ALA B 117 10.18 25.32 -10.57
N PRO B 118 11.45 24.90 -10.50
CA PRO B 118 12.38 25.00 -11.62
C PRO B 118 11.81 24.25 -12.81
N VAL B 119 12.09 24.77 -13.99
CA VAL B 119 11.63 24.16 -15.22
C VAL B 119 12.82 23.70 -16.05
N ILE B 120 12.68 22.51 -16.63
CA ILE B 120 13.65 21.95 -17.56
C ILE B 120 12.97 21.99 -18.90
N LEU B 121 13.74 22.24 -19.94
CA LEU B 121 13.19 22.33 -21.28
C LEU B 121 13.76 21.16 -22.05
N ALA B 122 12.89 20.20 -22.38
CA ALA B 122 13.32 19.04 -23.12
C ALA B 122 12.85 19.23 -24.54
N VAL B 123 13.81 19.44 -25.43
CA VAL B 123 13.48 19.59 -26.85
C VAL B 123 13.47 18.21 -27.49
N ASN B 124 12.28 17.70 -27.70
CA ASN B 124 12.14 16.35 -28.21
C ASN B 124 12.12 16.29 -29.75
N LYS B 125 12.14 15.08 -30.29
CA LYS B 125 12.01 14.85 -31.72
C LYS B 125 13.19 15.49 -32.43
N VAL B 126 14.30 15.52 -31.72
CA VAL B 126 15.53 16.09 -32.26
C VAL B 126 16.05 15.27 -33.45
N ASP B 127 15.89 13.96 -33.38
CA ASP B 127 16.24 13.07 -34.48
C ASP B 127 15.47 13.43 -35.75
N ASN B 128 14.31 14.06 -35.56
CA ASN B 128 13.38 14.33 -36.66
C ASN B 128 13.53 15.74 -37.26
N VAL B 129 14.64 16.40 -36.92
CA VAL B 129 14.91 17.74 -37.44
C VAL B 129 15.67 17.70 -38.77
N GLN B 130 15.05 18.32 -39.77
CA GLN B 130 15.47 18.30 -41.18
C GLN B 130 16.86 18.93 -41.40
N GLU B 131 16.95 20.24 -41.21
CA GLU B 131 18.23 20.94 -41.25
C GLU B 131 18.74 21.19 -39.84
N LYS B 132 19.67 20.34 -39.41
CA LYS B 132 20.25 20.42 -38.07
C LYS B 132 20.77 21.82 -37.71
N ALA B 133 20.84 22.69 -38.72
CA ALA B 133 21.21 24.08 -38.52
C ALA B 133 20.15 24.80 -37.72
N ASP B 134 18.93 24.80 -38.24
CA ASP B 134 17.77 25.54 -37.70
C ASP B 134 17.71 25.53 -36.18
N LEU B 135 18.43 24.60 -35.59
CA LEU B 135 18.33 24.36 -34.18
C LEU B 135 18.86 25.52 -33.36
N LEU B 136 20.12 25.87 -33.58
CA LEU B 136 20.79 26.88 -32.75
C LEU B 136 19.96 28.15 -32.50
N PRO B 137 19.47 28.79 -33.59
CA PRO B 137 18.71 30.04 -33.51
C PRO B 137 17.41 29.86 -32.74
N HIS B 138 16.76 28.72 -32.98
CA HIS B 138 15.52 28.38 -32.29
C HIS B 138 15.75 28.25 -30.76
N LEU B 139 16.80 27.54 -30.40
CA LEU B 139 17.10 27.31 -28.99
C LEU B 139 17.37 28.60 -28.27
N GLN B 140 17.98 29.57 -28.96
CA GLN B 140 18.28 30.85 -28.34
C GLN B 140 17.00 31.65 -28.17
N PHE B 141 16.12 31.50 -29.15
CA PHE B 141 14.81 32.11 -29.02
C PHE B 141 14.09 31.47 -27.86
N LEU B 142 14.12 30.13 -27.81
CA LEU B 142 13.47 29.41 -26.71
C LEU B 142 14.01 29.87 -25.36
N ALA B 143 15.34 29.95 -25.25
CA ALA B 143 15.99 30.30 -23.98
C ALA B 143 15.58 31.69 -23.45
N SER B 144 15.14 32.57 -24.33
CA SER B 144 14.79 33.93 -23.89
C SER B 144 13.36 34.00 -23.34
N GLN B 145 12.59 32.92 -23.52
CA GLN B 145 11.22 32.87 -23.03
C GLN B 145 11.10 32.81 -21.50
N MET B 146 12.06 32.15 -20.83
CA MET B 146 12.17 32.24 -19.36
C MET B 146 13.43 31.57 -18.84
N ASN B 147 13.68 31.71 -17.55
CA ASN B 147 14.90 31.15 -16.98
C ASN B 147 14.81 29.64 -16.79
N PHE B 148 15.29 28.89 -17.76
CA PHE B 148 15.30 27.43 -17.61
C PHE B 148 16.49 26.98 -16.80
N LEU B 149 16.25 25.96 -15.98
CA LEU B 149 17.31 25.38 -15.17
C LEU B 149 18.33 24.76 -16.11
N ASP B 150 17.87 24.45 -17.30
CA ASP B 150 18.70 23.71 -18.23
C ASP B 150 17.90 23.57 -19.49
N ILE B 151 18.56 23.23 -20.59
CA ILE B 151 17.89 22.99 -21.85
C ILE B 151 18.60 21.81 -22.44
N VAL B 152 17.84 20.76 -22.72
CA VAL B 152 18.43 19.52 -23.17
C VAL B 152 17.59 18.89 -24.27
N PRO B 153 18.17 18.86 -25.48
CA PRO B 153 17.52 18.30 -26.67
C PRO B 153 17.60 16.79 -26.56
N ILE B 154 16.54 16.09 -26.98
CA ILE B 154 16.49 14.65 -26.79
C ILE B 154 15.72 14.01 -27.91
N SER B 155 15.89 12.70 -27.98
CA SER B 155 14.96 11.87 -28.73
C SER B 155 14.36 10.85 -27.80
N ALA B 156 13.07 10.98 -27.50
CA ALA B 156 12.42 10.04 -26.59
C ALA B 156 12.46 8.64 -27.17
N GLU B 157 12.36 8.57 -28.50
CA GLU B 157 12.38 7.32 -29.26
C GLU B 157 13.72 6.56 -29.16
N THR B 158 14.81 7.29 -29.36
CA THR B 158 16.17 6.75 -29.36
C THR B 158 16.70 6.55 -27.96
N GLY B 159 16.28 7.43 -27.05
CA GLY B 159 16.80 7.46 -25.71
C GLY B 159 17.88 8.52 -25.57
N LEU B 160 18.24 9.14 -26.70
CA LEU B 160 19.28 10.16 -26.74
C LEU B 160 19.06 11.23 -25.69
N ASN B 161 19.96 11.26 -24.69
CA ASN B 161 19.92 12.24 -23.61
C ASN B 161 18.86 12.04 -22.55
N VAL B 162 18.12 10.95 -22.59
CA VAL B 162 17.08 10.78 -21.62
C VAL B 162 17.69 10.53 -20.23
N ASP B 163 18.81 9.83 -20.19
CA ASP B 163 19.57 9.64 -18.95
C ASP B 163 19.99 10.99 -18.32
N THR B 164 20.16 11.99 -19.17
CA THR B 164 20.51 13.31 -18.71
C THR B 164 19.33 13.90 -17.99
N ILE B 165 18.14 13.66 -18.52
CA ILE B 165 16.92 14.13 -17.86
C ILE B 165 16.73 13.38 -16.55
N ALA B 166 17.05 12.10 -16.56
CA ALA B 166 16.86 11.25 -15.40
C ALA B 166 17.70 11.73 -14.20
N ALA B 167 18.95 12.06 -14.52
CA ALA B 167 19.94 12.40 -13.51
C ALA B 167 19.55 13.71 -12.84
N ILE B 168 18.95 14.61 -13.63
CA ILE B 168 18.50 15.89 -13.10
C ILE B 168 17.32 15.66 -12.17
N VAL B 169 16.35 14.91 -12.68
CA VAL B 169 15.23 14.47 -11.88
C VAL B 169 15.66 13.89 -10.52
N ARG B 170 16.57 12.92 -10.52
CA ARG B 170 17.05 12.33 -9.26
C ARG B 170 17.54 13.38 -8.26
N LYS B 171 18.33 14.32 -8.77
CA LYS B 171 18.83 15.47 -8.02
C LYS B 171 17.76 16.33 -7.34
N HIS B 172 16.55 16.38 -7.90
CA HIS B 172 15.48 17.20 -7.31
C HIS B 172 14.50 16.44 -6.42
N LEU B 173 14.82 15.21 -6.06
CA LEU B 173 13.96 14.48 -5.14
C LEU B 173 14.28 14.83 -3.69
N PRO B 174 13.35 15.52 -3.02
CA PRO B 174 13.53 15.87 -1.61
C PRO B 174 13.73 14.62 -0.77
N GLU B 175 14.49 14.74 0.31
CA GLU B 175 14.65 13.63 1.25
C GLU B 175 13.30 13.31 1.89
N ALA B 176 12.89 12.07 1.73
CA ALA B 176 11.58 11.68 2.19
C ALA B 176 11.39 10.17 2.11
N THR B 177 10.43 9.66 2.88
CA THR B 177 10.02 8.29 2.73
C THR B 177 9.22 8.17 1.44
N HIS B 178 9.27 7.00 0.82
CA HIS B 178 8.42 6.73 -0.33
C HIS B 178 6.95 6.76 0.04
N HIS B 179 6.14 7.44 -0.77
CA HIS B 179 4.70 7.34 -0.65
C HIS B 179 4.20 5.91 -1.04
N PHE B 180 4.62 5.46 -2.23
CA PHE B 180 4.10 4.24 -2.81
C PHE B 180 4.94 3.00 -2.63
N PRO B 181 4.26 1.85 -2.56
CA PRO B 181 4.87 0.52 -2.67
C PRO B 181 5.54 0.40 -4.02
N GLU B 182 6.49 -0.51 -4.12
CA GLU B 182 7.40 -0.54 -5.25
C GLU B 182 6.73 -0.79 -6.59
N ASP B 183 5.72 -1.66 -6.66
CA ASP B 183 5.12 -1.90 -7.97
C ASP B 183 3.67 -1.49 -8.11
N TYR B 184 3.32 -0.32 -7.60
CA TYR B 184 1.92 0.07 -7.46
C TYR B 184 1.19 0.36 -8.78
N ILE B 185 -0.05 -0.12 -8.88
CA ILE B 185 -0.91 0.18 -10.01
C ILE B 185 -1.70 1.48 -9.83
N THR B 186 -1.32 2.49 -10.61
CA THR B 186 -1.89 3.82 -10.57
C THR B 186 -3.03 3.96 -11.57
N ASP B 187 -3.19 2.94 -12.39
CA ASP B 187 -4.27 2.95 -13.37
C ASP B 187 -5.07 1.70 -13.18
N ARG B 188 -6.27 1.87 -12.66
CA ARG B 188 -7.09 0.75 -12.26
C ARG B 188 -8.06 0.37 -13.36
N SER B 189 -8.04 1.12 -14.46
CA SER B 189 -8.98 0.84 -15.55
C SER B 189 -8.75 -0.54 -16.15
N GLN B 190 -9.84 -1.17 -16.58
CA GLN B 190 -9.77 -2.50 -17.18
C GLN B 190 -8.95 -2.48 -18.47
N ARG B 191 -9.11 -1.40 -19.24
CA ARG B 191 -8.34 -1.21 -20.44
C ARG B 191 -6.85 -1.36 -20.12
N PHE B 192 -6.40 -0.71 -19.05
CA PHE B 192 -5.01 -0.83 -18.62
C PHE B 192 -4.68 -2.25 -18.20
N MET B 193 -5.59 -2.85 -17.46
CA MET B 193 -5.39 -4.22 -16.98
C MET B 193 -5.20 -5.24 -18.09
N ALA B 194 -5.80 -4.97 -19.23
CA ALA B 194 -5.62 -5.83 -20.39
C ALA B 194 -4.17 -5.72 -20.85
N SER B 195 -3.69 -4.48 -21.02
CA SER B 195 -2.30 -4.25 -21.36
C SER B 195 -1.39 -5.03 -20.41
N GLU B 196 -1.65 -4.93 -19.11
CA GLU B 196 -0.75 -5.51 -18.16
C GLU B 196 -0.64 -7.02 -18.37
N ILE B 197 -1.76 -7.62 -18.76
CA ILE B 197 -1.79 -9.05 -18.94
C ILE B 197 -0.99 -9.43 -20.19
N ILE B 198 -1.12 -8.63 -21.25
CA ILE B 198 -0.39 -8.91 -22.48
C ILE B 198 1.11 -8.80 -22.24
N ARG B 199 1.50 -7.67 -21.63
CA ARG B 199 2.86 -7.45 -21.21
C ARG B 199 3.39 -8.62 -20.38
N GLU B 200 2.54 -9.18 -19.54
CA GLU B 200 3.00 -10.22 -18.66
C GLU B 200 3.19 -11.51 -19.47
N LYS B 201 2.30 -11.75 -20.41
CA LYS B 201 2.40 -12.95 -21.24
C LYS B 201 3.57 -12.86 -22.22
N LEU B 202 3.82 -11.65 -22.72
CA LEU B 202 5.02 -11.39 -23.49
C LEU B 202 6.25 -11.78 -22.68
N MET B 203 6.32 -11.29 -21.45
CA MET B 203 7.48 -11.55 -20.61
C MET B 203 7.60 -13.03 -20.29
N ARG B 204 6.45 -13.68 -20.21
CA ARG B 204 6.45 -15.10 -19.87
C ARG B 204 7.05 -15.93 -21.01
N PHE B 205 6.52 -15.72 -22.22
CA PHE B 205 6.82 -16.61 -23.35
C PHE B 205 8.00 -16.23 -24.21
N LEU B 206 8.43 -14.97 -24.11
CA LEU B 206 9.55 -14.53 -24.92
C LEU B 206 10.90 -14.86 -24.29
N GLY B 207 10.96 -14.86 -22.96
CA GLY B 207 12.15 -15.34 -22.29
C GLY B 207 13.41 -14.59 -22.68
N ALA B 208 14.41 -15.32 -23.18
CA ALA B 208 15.73 -14.74 -23.46
C ALA B 208 15.74 -13.86 -24.73
N GLU B 209 14.89 -14.22 -25.68
CA GLU B 209 14.80 -13.54 -26.98
C GLU B 209 14.14 -12.15 -26.94
N LEU B 210 13.41 -11.84 -25.88
CA LEU B 210 12.65 -10.57 -25.83
C LEU B 210 13.54 -9.31 -25.84
N PRO B 211 13.38 -8.49 -26.91
CA PRO B 211 14.15 -7.26 -27.16
C PRO B 211 13.78 -6.07 -26.27
N TYR B 212 14.52 -4.98 -26.46
CA TYR B 212 14.14 -3.74 -25.79
C TYR B 212 13.08 -3.03 -26.60
N SER B 213 12.50 -2.00 -25.99
CA SER B 213 11.59 -1.11 -26.69
C SER B 213 10.37 -1.81 -27.32
N VAL B 214 9.87 -2.87 -26.69
CA VAL B 214 8.57 -3.37 -27.03
C VAL B 214 7.52 -2.56 -26.30
N THR B 215 6.45 -2.18 -26.99
CA THR B 215 5.33 -1.53 -26.32
C THR B 215 4.02 -2.25 -26.62
N VAL B 216 3.13 -2.30 -25.63
CA VAL B 216 1.79 -2.86 -25.79
C VAL B 216 0.76 -1.73 -25.84
N GLU B 217 -0.31 -1.90 -26.60
CA GLU B 217 -1.33 -0.87 -26.66
C GLU B 217 -2.70 -1.45 -27.00
N ILE B 218 -3.73 -1.02 -26.29
CA ILE B 218 -5.07 -1.51 -26.54
C ILE B 218 -5.85 -0.58 -27.46
N GLU B 219 -5.93 -0.95 -28.73
CA GLU B 219 -6.62 -0.15 -29.75
C GLU B 219 -8.13 -0.12 -29.63
N ARG B 220 -8.70 -1.15 -29.01
CA ARG B 220 -10.15 -1.28 -28.95
C ARG B 220 -10.59 -2.08 -27.76
N PHE B 221 -11.48 -1.48 -26.96
CA PHE B 221 -12.04 -2.14 -25.79
C PHE B 221 -13.55 -1.87 -25.80
N VAL B 222 -14.35 -2.90 -26.03
CA VAL B 222 -15.81 -2.77 -26.01
C VAL B 222 -16.51 -3.95 -25.34
N SER B 223 -17.73 -3.71 -24.85
CA SER B 223 -18.60 -4.78 -24.36
C SER B 223 -19.67 -5.10 -25.42
N ASN B 224 -19.84 -6.39 -25.69
CA ASN B 224 -20.82 -6.82 -26.68
C ASN B 224 -22.25 -6.86 -26.10
N GLU B 225 -23.21 -7.27 -26.93
CA GLU B 225 -24.58 -7.45 -26.47
C GLU B 225 -24.65 -8.54 -25.40
N ARG B 226 -23.85 -9.58 -25.61
CA ARG B 226 -23.80 -10.78 -24.77
C ARG B 226 -23.18 -10.53 -23.38
N GLY B 227 -23.07 -9.25 -22.99
CA GLY B 227 -22.44 -8.90 -21.73
C GLY B 227 -20.99 -9.36 -21.62
N GLY B 228 -20.38 -9.61 -22.79
CA GLY B 228 -18.98 -10.02 -22.87
C GLY B 228 -18.13 -8.88 -23.42
N TYR B 229 -16.88 -9.19 -23.80
CA TYR B 229 -15.93 -8.15 -24.22
C TYR B 229 -15.25 -8.45 -25.55
N ASP B 230 -14.90 -7.38 -26.27
CA ASP B 230 -14.17 -7.50 -27.53
C ASP B 230 -12.92 -6.57 -27.49
N ILE B 231 -11.74 -7.19 -27.45
CA ILE B 231 -10.50 -6.44 -27.28
C ILE B 231 -9.50 -6.61 -28.44
N ASN B 232 -8.94 -5.49 -28.89
CA ASN B 232 -7.92 -5.53 -29.92
C ASN B 232 -6.56 -5.12 -29.39
N GLY B 233 -5.63 -6.05 -29.36
CA GLY B 233 -4.30 -5.75 -28.84
C GLY B 233 -3.29 -5.53 -29.93
N LEU B 234 -2.40 -4.57 -29.72
CA LEU B 234 -1.39 -4.20 -30.70
C LEU B 234 0.00 -4.21 -30.05
N ILE B 235 0.84 -5.16 -30.45
CA ILE B 235 2.20 -5.29 -29.91
C ILE B 235 3.20 -4.65 -30.88
N LEU B 236 3.97 -3.66 -30.41
CA LEU B 236 4.87 -2.87 -31.27
C LEU B 236 6.34 -3.10 -30.99
N VAL B 237 7.12 -3.36 -32.04
CA VAL B 237 8.54 -3.66 -31.91
C VAL B 237 9.38 -2.71 -32.77
N GLU B 238 10.65 -2.53 -32.44
CA GLU B 238 11.54 -1.62 -33.20
C GLU B 238 11.83 -2.11 -34.62
N ARG B 239 12.36 -3.33 -34.73
CA ARG B 239 12.79 -3.86 -36.02
C ARG B 239 12.04 -5.12 -36.48
N GLU B 240 12.13 -5.40 -37.78
CA GLU B 240 11.41 -6.52 -38.41
C GLU B 240 11.78 -7.88 -37.83
N GLY B 241 13.06 -8.12 -37.61
CA GLY B 241 13.52 -9.44 -37.19
C GLY B 241 12.91 -9.83 -35.86
N GLN B 242 12.63 -8.83 -35.06
CA GLN B 242 11.99 -9.03 -33.78
C GLN B 242 10.55 -9.43 -33.97
N LYS B 243 9.86 -8.74 -34.87
CA LYS B 243 8.47 -9.09 -35.18
C LYS B 243 8.29 -10.59 -35.42
N LYS B 244 9.30 -11.26 -35.97
CA LYS B 244 9.18 -12.68 -36.28
C LYS B 244 9.45 -13.61 -35.08
N MET B 245 10.17 -13.11 -34.09
CA MET B 245 10.37 -13.87 -32.86
C MET B 245 9.10 -13.84 -32.04
N VAL B 246 8.39 -12.73 -32.13
CA VAL B 246 7.14 -12.62 -31.42
C VAL B 246 6.09 -13.50 -32.05
N ILE B 247 6.00 -13.46 -33.37
CA ILE B 247 5.10 -14.36 -34.06
C ILE B 247 5.55 -15.78 -33.75
N GLY B 248 6.86 -15.99 -33.74
CA GLY B 248 7.43 -17.29 -33.45
C GLY B 248 7.30 -18.27 -34.60
N ASN B 249 8.08 -19.35 -34.53
CA ASN B 249 7.99 -20.41 -35.53
C ASN B 249 6.55 -20.87 -35.76
N LYS B 250 6.15 -20.92 -37.03
CA LYS B 250 4.81 -21.34 -37.44
C LYS B 250 3.64 -20.60 -36.77
N GLY B 251 3.92 -19.43 -36.20
CA GLY B 251 2.89 -18.58 -35.61
C GLY B 251 2.42 -19.03 -34.23
N ALA B 252 3.10 -20.02 -33.67
CA ALA B 252 2.69 -20.64 -32.43
C ALA B 252 2.93 -19.76 -31.20
N LYS B 253 3.95 -18.91 -31.26
CA LYS B 253 4.28 -18.07 -30.13
C LYS B 253 3.21 -17.02 -29.87
N ILE B 254 2.84 -16.26 -30.91
CA ILE B 254 1.80 -15.24 -30.80
C ILE B 254 0.42 -15.89 -30.64
N LYS B 255 0.31 -17.16 -31.05
CA LYS B 255 -0.95 -17.88 -30.91
C LYS B 255 -1.18 -18.16 -29.43
N THR B 256 -0.17 -18.74 -28.80
CA THR B 256 -0.18 -19.04 -27.38
C THR B 256 -0.37 -17.79 -26.49
N ILE B 257 0.40 -16.74 -26.79
CA ILE B 257 0.33 -15.52 -26.04
C ILE B 257 -1.10 -15.00 -26.03
N GLY B 258 -1.72 -14.98 -27.19
CA GLY B 258 -3.12 -14.62 -27.28
C GLY B 258 -4.05 -15.51 -26.48
N ILE B 259 -3.86 -16.82 -26.58
CA ILE B 259 -4.70 -17.74 -25.83
C ILE B 259 -4.59 -17.49 -24.32
N GLU B 260 -3.36 -17.41 -23.82
CA GLU B 260 -3.15 -17.21 -22.39
C GLU B 260 -3.70 -15.88 -21.91
N ALA B 261 -3.50 -14.84 -22.69
CA ALA B 261 -3.93 -13.51 -22.31
C ALA B 261 -5.44 -13.39 -22.29
N ARG B 262 -6.09 -13.98 -23.30
CA ARG B 262 -7.54 -13.97 -23.37
C ARG B 262 -8.12 -14.76 -22.21
N LYS B 263 -7.40 -15.79 -21.78
CA LYS B 263 -7.78 -16.56 -20.61
C LYS B 263 -7.68 -15.68 -19.34
N ASP B 264 -6.48 -15.29 -18.94
CA ASP B 264 -6.32 -14.44 -17.75
C ASP B 264 -7.27 -13.24 -17.76
N MET B 265 -7.65 -12.81 -18.96
CA MET B 265 -8.52 -11.66 -19.15
C MET B 265 -9.96 -11.97 -18.78
N GLN B 266 -10.45 -13.12 -19.22
CA GLN B 266 -11.79 -13.55 -18.91
C GLN B 266 -11.96 -13.73 -17.39
N GLU B 267 -10.96 -14.35 -16.80
CA GLU B 267 -10.95 -14.60 -15.36
C GLU B 267 -11.01 -13.30 -14.54
N MET B 268 -10.19 -12.31 -14.90
CA MET B 268 -10.17 -11.05 -14.17
C MET B 268 -11.40 -10.18 -14.44
N PHE B 269 -11.95 -10.28 -15.64
CA PHE B 269 -13.12 -9.49 -15.98
C PHE B 269 -14.42 -10.24 -15.74
N GLU B 270 -14.31 -11.50 -15.32
CA GLU B 270 -15.47 -12.37 -15.11
C GLU B 270 -16.52 -12.13 -16.19
N ALA B 271 -16.13 -12.37 -17.44
CA ALA B 271 -16.99 -12.18 -18.58
C ALA B 271 -16.32 -12.79 -19.80
N PRO B 272 -17.07 -12.98 -20.91
CA PRO B 272 -16.47 -13.47 -22.15
C PRO B 272 -15.47 -12.46 -22.73
N VAL B 273 -14.45 -12.96 -23.44
CA VAL B 273 -13.46 -12.11 -24.09
C VAL B 273 -13.01 -12.64 -25.47
N HIS B 274 -13.23 -11.84 -26.51
CA HIS B 274 -12.65 -12.13 -27.81
C HIS B 274 -11.42 -11.25 -28.01
N LEU B 275 -10.26 -11.87 -28.07
CA LEU B 275 -9.02 -11.12 -28.16
C LEU B 275 -8.32 -11.26 -29.50
N GLU B 276 -8.01 -10.13 -30.12
CA GLU B 276 -7.17 -10.14 -31.33
C GLU B 276 -5.82 -9.46 -31.08
N LEU B 277 -4.73 -10.07 -31.53
CA LEU B 277 -3.39 -9.51 -31.31
C LEU B 277 -2.61 -9.31 -32.61
N TRP B 278 -2.17 -8.08 -32.84
CA TRP B 278 -1.35 -7.70 -33.99
C TRP B 278 0.08 -7.32 -33.59
N VAL B 279 1.06 -7.84 -34.32
CA VAL B 279 2.45 -7.45 -34.11
C VAL B 279 2.88 -6.50 -35.23
N LYS B 280 3.23 -5.28 -34.85
CA LYS B 280 3.57 -4.24 -35.84
C LYS B 280 4.96 -3.68 -35.59
N VAL B 281 5.69 -3.37 -36.65
CA VAL B 281 6.99 -2.70 -36.51
C VAL B 281 6.72 -1.21 -36.51
N LYS B 282 7.21 -0.52 -35.49
CA LYS B 282 6.88 0.90 -35.27
C LYS B 282 6.92 1.75 -36.53
N SER B 283 8.05 1.71 -37.22
CA SER B 283 8.20 2.40 -38.49
C SER B 283 7.34 1.77 -39.60
N GLY B 284 6.03 1.99 -39.54
CA GLY B 284 5.11 1.59 -40.60
C GLY B 284 4.66 0.13 -40.66
N TRP B 285 3.41 -0.09 -41.08
CA TRP B 285 2.92 -1.44 -41.33
C TRP B 285 3.74 -2.09 -42.43
N ALA B 286 3.03 -2.74 -43.34
CA ALA B 286 3.65 -3.31 -44.53
C ALA B 286 2.55 -3.54 -45.55
N ASP B 287 2.95 -3.92 -46.75
CA ASP B 287 2.00 -4.11 -47.83
C ASP B 287 1.02 -5.24 -47.51
N ASP B 288 1.56 -6.44 -47.23
CA ASP B 288 0.69 -7.58 -46.89
C ASP B 288 -0.14 -7.33 -45.63
N GLU B 289 0.44 -6.61 -44.67
CA GLU B 289 -0.18 -6.33 -43.35
C GLU B 289 -1.33 -5.35 -43.41
N ARG B 290 -1.10 -4.22 -44.07
CA ARG B 290 -2.15 -3.23 -44.24
C ARG B 290 -3.41 -3.84 -44.89
N ALA B 291 -3.22 -4.55 -46.00
CA ALA B 291 -4.32 -5.21 -46.70
C ALA B 291 -4.94 -6.29 -45.82
N LEU B 292 -4.12 -6.84 -44.92
CA LEU B 292 -4.58 -7.85 -44.00
C LEU B 292 -5.43 -7.23 -42.89
N ARG B 293 -5.08 -6.01 -42.48
CA ARG B 293 -5.75 -5.31 -41.37
C ARG B 293 -7.26 -5.19 -41.56
N SER B 294 -7.65 -4.66 -42.72
CA SER B 294 -9.06 -4.52 -43.09
C SER B 294 -9.66 -5.84 -43.55
N LEU B 295 -9.98 -6.71 -42.61
CA LEU B 295 -10.58 -8.01 -42.92
C LEU B 295 -11.44 -8.55 -41.76
N GLY B 296 -11.66 -9.86 -41.71
CA GLY B 296 -12.56 -10.45 -40.73
C GLY B 296 -11.89 -11.32 -39.70
PB GDP C . 0.45 -9.53 27.51
O1B GDP C . 1.13 -8.35 28.20
O2B GDP C . 1.38 -10.73 27.48
O3B GDP C . 0.10 -9.10 26.11
O3A GDP C . -0.86 -9.90 28.35
PA GDP C . -2.38 -9.58 27.92
O1A GDP C . -2.87 -10.71 27.02
O2A GDP C . -2.49 -8.23 27.28
O5' GDP C . -3.20 -9.67 29.31
C5' GDP C . -3.15 -10.96 29.93
C4' GDP C . -4.27 -11.16 30.91
O4' GDP C . -4.31 -10.00 31.72
C3' GDP C . -5.60 -11.22 30.18
O3' GDP C . -6.39 -12.28 30.73
C2' GDP C . -6.27 -9.90 30.48
O2' GDP C . -7.69 -9.97 30.55
C1' GDP C . -5.66 -9.55 31.83
N9 GDP C . -5.75 -8.10 31.99
C8 GDP C . -5.28 -7.17 31.13
N7 GDP C . -5.55 -5.92 31.58
C5 GDP C . -6.18 -6.04 32.75
C6 GDP C . -6.75 -5.12 33.75
O6 GDP C . -6.66 -3.88 33.59
N1 GDP C . -7.34 -5.66 34.83
C2 GDP C . -7.44 -6.99 35.02
N2 GDP C . -8.05 -7.44 36.14
N3 GDP C . -6.95 -7.90 34.14
C4 GDP C . -6.33 -7.48 33.01
S SO4 D . -11.24 -24.33 28.57
O1 SO4 D . -12.10 -25.52 28.61
O2 SO4 D . -9.94 -24.68 27.98
O3 SO4 D . -11.87 -23.31 27.74
O4 SO4 D . -11.04 -23.79 29.93
S SO4 E . 14.09 -7.27 21.55
O1 SO4 E . 13.29 -6.06 21.68
O2 SO4 E . 14.91 -7.21 20.33
O3 SO4 E . 14.99 -7.32 22.70
O4 SO4 E . 13.23 -8.47 21.54
S SO4 F . 17.71 7.75 33.72
O1 SO4 F . 16.51 8.19 33.00
O2 SO4 F . 18.83 8.63 33.34
O3 SO4 F . 17.50 7.85 35.17
O4 SO4 F . 18.02 6.37 33.35
S SO4 G . -12.72 -19.95 33.77
O1 SO4 G . -13.66 -19.76 34.88
O2 SO4 G . -13.47 -20.05 32.51
O3 SO4 G . -11.78 -18.83 33.71
O4 SO4 G . -12.00 -21.22 33.96
S SO4 H . -2.94 -24.43 18.62
O1 SO4 H . -3.30 -25.60 19.42
O2 SO4 H . -3.62 -24.51 17.32
O3 SO4 H . -3.34 -23.20 19.32
O4 SO4 H . -1.48 -24.39 18.41
C TRS I . -10.26 5.53 20.39
C1 TRS I . -11.57 6.29 20.19
C2 TRS I . -10.42 4.46 21.49
C3 TRS I . -9.98 4.79 19.09
N TRS I . -9.13 6.47 20.67
O1 TRS I . -12.42 5.55 19.32
O2 TRS I . -10.21 4.93 22.80
O3 TRS I . -10.53 5.43 17.95
PB GDP J . 2.18 13.13 -26.02
O1B GDP J . 3.09 14.30 -25.71
O2B GDP J . 0.77 13.63 -26.29
O3B GDP J . 2.19 12.19 -24.84
O3A GDP J . 2.69 12.33 -27.31
PA GDP J . 3.47 10.93 -27.30
O1A GDP J . 2.43 9.81 -27.43
O2A GDP J . 4.39 10.83 -26.12
O5' GDP J . 4.26 10.97 -28.71
C5' GDP J . 3.46 11.09 -29.90
C4' GDP J . 4.18 10.60 -31.15
O4' GDP J . 5.46 11.24 -31.20
C3' GDP J . 4.41 9.10 -31.09
O3' GDP J . 4.05 8.47 -32.33
C2' GDP J . 5.89 8.97 -30.85
O2' GDP J . 6.44 7.77 -31.43
C1' GDP J . 6.43 10.24 -31.49
N9 GDP J . 7.73 10.54 -30.86
C8 GDP J . 7.96 10.65 -29.53
N7 GDP J . 9.27 10.92 -29.29
C5 GDP J . 9.89 10.97 -30.48
C6 GDP J . 11.28 11.21 -30.93
O6 GDP J . 12.18 11.44 -30.10
N1 GDP J . 11.50 11.18 -32.26
C2 GDP J . 10.52 10.95 -33.17
N2 GDP J . 10.85 10.94 -34.47
N3 GDP J . 9.23 10.72 -32.82
C4 GDP J . 8.87 10.72 -31.52
S SO4 K . -4.01 1.56 -38.82
O1 SO4 K . -5.46 1.33 -38.87
O2 SO4 K . -3.66 2.62 -37.85
O3 SO4 K . -3.39 0.30 -38.42
O4 SO4 K . -3.51 1.95 -40.14
S SO4 L . -3.84 21.45 -15.51
O1 SO4 L . -2.77 20.47 -15.28
O2 SO4 L . -4.74 21.48 -14.35
O3 SO4 L . -3.18 22.76 -15.65
O4 SO4 L . -4.59 21.07 -16.74
S SO4 M . -12.43 1.14 -18.63
O1 SO4 M . -11.99 2.42 -18.04
O2 SO4 M . -11.60 0.82 -19.79
O3 SO4 M . -12.31 0.11 -17.60
O4 SO4 M . -13.82 1.24 -19.04
S SO4 N . 10.78 -20.32 -21.95
O1 SO4 N . 11.01 -18.88 -22.10
O2 SO4 N . 12.08 -20.99 -21.87
O3 SO4 N . 10.05 -20.57 -20.71
O4 SO4 N . 10.03 -20.83 -23.09
S SO4 O . 1.37 3.40 -40.53
O1 SO4 O . 0.09 3.10 -39.87
O2 SO4 O . 1.58 2.55 -41.69
O3 SO4 O . 1.37 4.80 -40.96
O4 SO4 O . 2.46 3.21 -39.56
S SO4 P . -12.86 15.85 -3.12
O1 SO4 P . -13.26 16.77 -2.06
O2 SO4 P . -14.04 15.47 -3.90
O3 SO4 P . -11.88 16.49 -4.00
O4 SO4 P . -12.28 14.65 -2.53
S SO4 Q . 10.24 20.36 -38.02
O1 SO4 Q . 8.92 20.05 -37.47
O2 SO4 Q . 10.72 19.18 -38.76
O3 SO4 Q . 10.10 21.48 -38.95
O4 SO4 Q . 11.20 20.69 -36.94
S SO4 R . -10.45 8.86 -9.42
O1 SO4 R . -11.69 8.23 -8.94
O2 SO4 R . -9.93 8.15 -10.59
O3 SO4 R . -10.72 10.25 -9.82
O4 SO4 R . -9.47 8.86 -8.33
#